data_4GYE
#
_entry.id   4GYE
#
_cell.length_a   62.255
_cell.length_b   62.255
_cell.length_c   83.920
_cell.angle_alpha   90.00
_cell.angle_beta   90.00
_cell.angle_gamma   120.00
#
_symmetry.space_group_name_H-M   'P 61'
#
loop_
_entity.id
_entity.type
_entity.pdbx_description
1 polymer Protease
2 polymer 'P1F peptide'
3 water water
#
loop_
_entity_poly.entity_id
_entity_poly.type
_entity_poly.pdbx_seq_one_letter_code
_entity_poly.pdbx_strand_id
1 'polypeptide(L)'
;PQITLWKRPIVTIKIGGQLKEALLNTGADDTVLEEVNLPGRWKPKLIGGIGGFVKVRQYDQVPIEICGHKVIGTVLVGPT
PTNVIGRNLMTQIGCTLNF
;
A,B
2 'polypeptide(L)' RV(PUK)EA(NLE) C
#
loop_
_chem_comp.id
_chem_comp.type
_chem_comp.name
_chem_comp.formula
PUK peptide-like N-[(2S)-2-amino-3-phenylpropyl]-L-phenylalanine 'C18 H22 N2 O2'
#
# COMPACT_ATOMS: atom_id res chain seq x y z
N PRO A 1 -9.58 6.19 15.49
CA PRO A 1 -8.32 6.77 15.97
C PRO A 1 -7.47 7.47 14.88
N GLN A 2 -6.29 7.90 15.28
CA GLN A 2 -5.33 8.46 14.38
C GLN A 2 -4.15 7.50 14.39
N ILE A 3 -3.65 7.17 13.20
CA ILE A 3 -2.50 6.30 13.05
C ILE A 3 -1.37 7.05 12.27
N THR A 4 -0.23 7.29 12.95
CA THR A 4 0.97 7.79 12.26
C THR A 4 1.63 6.63 11.50
N LEU A 5 2.63 6.97 10.69
CA LEU A 5 3.17 6.01 9.75
C LEU A 5 4.64 5.73 10.06
N TRP A 6 5.07 6.08 11.28
CA TRP A 6 6.42 5.77 11.75
C TRP A 6 6.62 4.25 11.85
N LYS A 7 5.56 3.48 12.08
CA LYS A 7 5.68 2.03 11.98
C LYS A 7 4.57 1.52 11.04
N ARG A 8 4.60 0.27 10.59
CA ARG A 8 3.50 -0.25 9.72
C ARG A 8 2.17 -0.06 10.40
N PRO A 9 1.13 0.43 9.67
CA PRO A 9 -0.21 0.60 10.27
C PRO A 9 -0.99 -0.73 10.30
N ILE A 10 -0.73 -1.54 11.32
CA ILE A 10 -1.29 -2.89 11.43
C ILE A 10 -2.54 -2.87 12.32
N VAL A 11 -3.64 -3.47 11.88
CA VAL A 11 -4.80 -3.59 12.78
C VAL A 11 -5.23 -5.01 12.97
N THR A 12 -6.03 -5.21 14.00
CA THR A 12 -6.49 -6.56 14.29
C THR A 12 -7.87 -6.67 13.66
N ILE A 13 -8.11 -7.73 12.90
CA ILE A 13 -9.44 -7.92 12.36
C ILE A 13 -10.09 -9.18 12.97
N LYS A 14 -11.40 -9.31 12.80
CA LYS A 14 -12.06 -10.58 13.04
C LYS A 14 -12.89 -10.91 11.80
N ILE A 15 -12.73 -12.13 11.30
CA ILE A 15 -13.29 -12.53 10.01
C ILE A 15 -13.54 -14.04 10.02
N GLY A 16 -14.74 -14.48 9.64
CA GLY A 16 -15.08 -15.91 9.71
C GLY A 16 -14.89 -16.53 11.10
N GLY A 17 -15.12 -15.75 12.16
CA GLY A 17 -14.81 -16.21 13.54
C GLY A 17 -13.33 -16.35 13.94
N GLN A 18 -12.39 -15.95 13.08
CA GLN A 18 -10.98 -16.04 13.42
C GLN A 18 -10.38 -14.64 13.58
N LEU A 19 -9.34 -14.50 14.39
CA LEU A 19 -8.71 -13.23 14.55
C LEU A 19 -7.47 -13.20 13.73
N LYS A 20 -7.19 -12.05 13.12
CA LYS A 20 -5.99 -11.93 12.28
C LYS A 20 -5.45 -10.52 12.47
N GLU A 21 -4.20 -10.29 12.09
CA GLU A 21 -3.65 -8.94 11.96
C GLU A 21 -3.53 -8.61 10.46
N ALA A 22 -3.67 -7.34 10.11
CA ALA A 22 -3.71 -6.93 8.72
C ALA A 22 -3.12 -5.53 8.55
N LEU A 23 -2.49 -5.29 7.40
CA LEU A 23 -1.90 -3.99 7.15
C LEU A 23 -2.89 -3.05 6.42
N LEU A 24 -3.16 -1.89 7.03
CA LEU A 24 -3.98 -0.85 6.38
C LEU A 24 -3.18 -0.31 5.21
N ASN A 25 -3.73 -0.50 4.00
CA ASN A 25 -2.92 -0.38 2.81
C ASN A 25 -3.62 0.42 1.75
N THR A 26 -3.30 1.70 1.75
CA THR A 26 -3.93 2.67 0.86
C THR A 26 -3.53 2.52 -0.61
N GLY A 27 -2.47 1.75 -0.84
CA GLY A 27 -2.05 1.37 -2.18
C GLY A 27 -2.60 0.03 -2.63
N ALA A 28 -3.76 -0.42 -2.11
CA ALA A 28 -4.25 -1.74 -2.52
C ALA A 28 -5.37 -1.92 -3.62
N ASP A 29 -6.49 -1.27 -3.43
CA ASP A 29 -7.80 -1.45 -4.16
C ASP A 29 -8.66 -2.50 -3.48
N ASP A 30 -8.04 -3.66 -3.20
CA ASP A 30 -8.69 -4.87 -2.68
C ASP A 30 -8.04 -5.39 -1.37
N THR A 31 -8.81 -6.17 -0.60
CA THR A 31 -8.38 -6.76 0.63
C THR A 31 -7.94 -8.19 0.31
N VAL A 32 -6.74 -8.58 0.77
CA VAL A 32 -6.23 -9.94 0.55
C VAL A 32 -5.72 -10.51 1.86
N LEU A 33 -6.26 -11.67 2.20
CA LEU A 33 -5.84 -12.38 3.41
C LEU A 33 -5.22 -13.76 3.08
N GLU A 34 -4.29 -14.15 3.94
CA GLU A 34 -3.48 -15.35 3.76
C GLU A 34 -4.15 -16.64 4.22
N GLU A 35 -4.54 -16.74 5.50
CA GLU A 35 -4.93 -18.10 5.96
C GLU A 35 -6.25 -18.05 6.71
N VAL A 36 -7.30 -17.67 6.02
CA VAL A 36 -8.59 -17.65 6.62
C VAL A 36 -9.40 -18.70 5.87
N ASN A 37 -10.48 -19.18 6.46
CA ASN A 37 -11.38 -19.96 5.61
C ASN A 37 -12.77 -19.55 5.75
N LEU A 38 -13.24 -19.08 4.63
CA LEU A 38 -14.49 -18.44 4.55
C LEU A 38 -15.43 -19.50 4.04
N PRO A 39 -16.70 -19.47 4.45
CA PRO A 39 -17.66 -20.41 3.91
C PRO A 39 -18.15 -20.03 2.49
N GLY A 40 -18.70 -21.00 1.77
CA GLY A 40 -19.51 -20.73 0.59
C GLY A 40 -18.74 -20.72 -0.71
N ARG A 41 -19.46 -20.26 -1.74
CA ARG A 41 -19.02 -20.26 -3.13
C ARG A 41 -18.05 -19.12 -3.34
N TRP A 42 -17.07 -19.31 -4.21
CA TRP A 42 -16.17 -18.22 -4.58
C TRP A 42 -15.94 -18.14 -6.08
N LYS A 43 -15.31 -17.05 -6.51
CA LYS A 43 -14.83 -16.91 -7.91
C LYS A 43 -13.29 -16.87 -7.93
N PRO A 44 -12.61 -17.55 -8.91
CA PRO A 44 -11.14 -17.44 -9.03
C PRO A 44 -10.76 -16.16 -9.75
N LYS A 45 -9.71 -15.50 -9.25
CA LYS A 45 -9.26 -14.24 -9.80
C LYS A 45 -7.74 -14.16 -9.64
N LEU A 46 -7.09 -13.27 -10.39
CA LEU A 46 -5.64 -12.99 -10.28
C LEU A 46 -5.48 -11.56 -9.87
N ILE A 47 -4.61 -11.31 -8.92
CA ILE A 47 -4.35 -9.94 -8.56
C ILE A 47 -2.89 -9.56 -8.91
N GLY A 48 -2.66 -8.30 -9.24
CA GLY A 48 -1.29 -7.90 -9.56
C GLY A 48 -0.64 -7.14 -8.42
N GLY A 49 0.68 -7.22 -8.30
CA GLY A 49 1.34 -6.43 -7.28
C GLY A 49 2.67 -6.02 -7.85
N ILE A 50 3.57 -5.59 -6.96
CA ILE A 50 4.90 -5.19 -7.37
C ILE A 50 5.73 -6.32 -8.02
N GLY A 51 5.78 -7.51 -7.48
CA GLY A 51 6.74 -8.43 -8.12
C GLY A 51 6.17 -9.40 -9.16
N GLY A 52 4.90 -9.23 -9.55
CA GLY A 52 4.17 -10.26 -10.25
C GLY A 52 2.68 -10.37 -9.84
N PHE A 53 2.11 -11.55 -10.09
CA PHE A 53 0.67 -11.77 -9.96
C PHE A 53 0.44 -13.04 -9.19
N VAL A 54 -0.70 -13.09 -8.52
CA VAL A 54 -1.09 -14.20 -7.67
C VAL A 54 -2.56 -14.56 -7.97
N LYS A 55 -2.84 -15.84 -7.79
CA LYS A 55 -4.17 -16.41 -8.06
C LYS A 55 -4.88 -16.48 -6.72
N VAL A 56 -6.10 -15.97 -6.66
CA VAL A 56 -6.85 -15.94 -5.41
C VAL A 56 -8.32 -16.35 -5.56
N ARG A 57 -8.95 -16.52 -4.41
CA ARG A 57 -10.38 -16.76 -4.34
C ARG A 57 -11.06 -15.48 -3.90
N GLN A 58 -12.03 -15.02 -4.70
CA GLN A 58 -12.87 -13.95 -4.34
C GLN A 58 -14.16 -14.41 -3.65
N TYR A 59 -14.32 -13.95 -2.40
CA TYR A 59 -15.60 -14.08 -1.68
C TYR A 59 -16.24 -12.70 -1.56
N ASP A 60 -17.55 -12.68 -1.71
CA ASP A 60 -18.30 -11.46 -1.60
C ASP A 60 -19.12 -11.45 -0.39
N GLN A 61 -19.45 -10.22 0.01
CA GLN A 61 -20.32 -9.96 1.14
C GLN A 61 -19.83 -10.69 2.39
N VAL A 62 -18.55 -10.51 2.70
CA VAL A 62 -17.98 -11.13 3.89
C VAL A 62 -18.04 -10.16 5.06
N PRO A 63 -18.68 -10.58 6.17
CA PRO A 63 -18.68 -9.70 7.31
C PRO A 63 -17.29 -9.66 7.89
N ILE A 64 -16.82 -8.47 8.30
CA ILE A 64 -15.53 -8.38 8.95
C ILE A 64 -15.44 -7.26 9.99
N GLU A 65 -14.82 -7.54 11.12
CA GLU A 65 -14.60 -6.47 12.12
C GLU A 65 -13.20 -5.89 12.00
N ILE A 66 -13.11 -4.58 11.84
CA ILE A 66 -11.80 -3.94 11.68
C ILE A 66 -11.59 -2.83 12.73
N CYS A 67 -10.74 -3.09 13.74
CA CYS A 67 -10.75 -2.33 15.01
C CYS A 67 -12.18 -2.10 15.53
N GLY A 68 -12.93 -3.17 15.78
CA GLY A 68 -14.28 -2.99 16.33
C GLY A 68 -15.37 -2.42 15.41
N HIS A 69 -15.00 -1.85 14.26
CA HIS A 69 -16.03 -1.47 13.26
C HIS A 69 -16.44 -2.65 12.34
N LYS A 70 -17.73 -2.85 12.22
CA LYS A 70 -18.27 -4.00 11.53
C LYS A 70 -18.63 -3.61 10.13
N VAL A 71 -18.12 -4.37 9.18
CA VAL A 71 -18.12 -3.95 7.82
C VAL A 71 -18.37 -5.18 6.96
N ILE A 72 -18.88 -5.00 5.76
CA ILE A 72 -19.14 -6.12 4.85
C ILE A 72 -18.59 -5.77 3.47
N GLY A 73 -17.79 -6.67 2.89
CA GLY A 73 -17.16 -6.39 1.64
C GLY A 73 -16.64 -7.62 0.97
N THR A 74 -15.95 -7.41 -0.12
CA THR A 74 -15.30 -8.52 -0.73
C THR A 74 -13.88 -8.74 -0.19
N VAL A 75 -13.55 -9.99 0.06
CA VAL A 75 -12.24 -10.35 0.48
C VAL A 75 -11.78 -11.46 -0.36
N LEU A 76 -10.51 -11.30 -0.71
CA LEU A 76 -9.77 -12.17 -1.57
C LEU A 76 -8.85 -12.97 -0.66
N VAL A 77 -8.84 -14.27 -0.88
CA VAL A 77 -8.05 -15.18 -0.11
C VAL A 77 -7.00 -15.84 -1.02
N GLY A 78 -5.74 -15.67 -0.68
CA GLY A 78 -4.69 -16.23 -1.52
C GLY A 78 -3.32 -15.88 -0.95
N PRO A 79 -2.23 -16.28 -1.66
CA PRO A 79 -0.79 -16.02 -1.37
C PRO A 79 -0.43 -14.57 -1.15
N THR A 80 0.01 -14.20 0.05
CA THR A 80 0.43 -12.82 0.29
C THR A 80 1.34 -12.85 1.47
N PRO A 81 2.46 -12.11 1.41
CA PRO A 81 3.36 -12.10 2.55
C PRO A 81 2.73 -11.47 3.82
N THR A 82 1.74 -10.61 3.63
CA THR A 82 1.06 -9.95 4.75
C THR A 82 -0.39 -9.81 4.37
N ASN A 83 -1.26 -9.93 5.36
CA ASN A 83 -2.67 -9.57 5.19
C ASN A 83 -2.79 -8.10 4.92
N VAL A 84 -3.70 -7.75 4.05
CA VAL A 84 -3.83 -6.39 3.65
C VAL A 84 -5.30 -6.03 3.60
N ILE A 85 -5.65 -4.91 4.24
CA ILE A 85 -6.96 -4.26 4.09
C ILE A 85 -6.76 -3.16 2.98
N GLY A 86 -7.58 -3.21 1.94
CA GLY A 86 -7.43 -2.27 0.83
C GLY A 86 -8.53 -1.23 0.95
N ARG A 87 -8.55 -0.33 -0.03
CA ARG A 87 -9.53 0.78 -0.04
C ARG A 87 -10.96 0.30 -0.02
N ASN A 88 -11.26 -0.86 -0.60
CA ASN A 88 -12.65 -1.31 -0.58
C ASN A 88 -13.23 -1.35 0.86
N LEU A 89 -12.41 -1.68 1.87
CA LEU A 89 -13.02 -1.73 3.22
C LEU A 89 -12.75 -0.49 3.97
N MET A 90 -11.62 0.14 3.68
CA MET A 90 -11.21 1.34 4.32
C MET A 90 -12.18 2.47 4.08
N THR A 91 -12.79 2.51 2.92
CA THR A 91 -13.80 3.54 2.69
C THR A 91 -15.00 3.32 3.63
N GLN A 92 -15.30 2.05 3.96
CA GLN A 92 -16.45 1.70 4.84
C GLN A 92 -16.25 2.12 6.31
N ILE A 93 -15.02 2.12 6.78
CA ILE A 93 -14.81 2.50 8.14
C ILE A 93 -14.53 3.99 8.24
N GLY A 94 -14.54 4.69 7.10
CA GLY A 94 -14.30 6.13 7.07
C GLY A 94 -12.84 6.59 7.00
N CYS A 95 -11.91 5.65 6.77
CA CYS A 95 -10.49 5.97 6.81
C CYS A 95 -10.01 6.99 5.77
N THR A 96 -9.21 7.99 6.19
CA THR A 96 -8.65 9.01 5.28
C THR A 96 -7.15 9.28 5.47
N LEU A 97 -6.50 9.85 4.47
CA LEU A 97 -5.13 10.36 4.65
C LEU A 97 -5.15 11.84 4.94
N ASN A 98 -4.33 12.24 5.90
CA ASN A 98 -4.26 13.59 6.41
C ASN A 98 -2.83 14.10 6.47
N PHE A 99 -2.61 15.28 5.89
CA PHE A 99 -1.35 16.03 6.08
C PHE A 99 -1.51 17.53 5.82
N PRO B 1 -4.50 19.25 4.07
CA PRO B 1 -5.41 18.52 3.16
C PRO B 1 -5.73 17.10 3.64
N GLN B 2 -6.82 16.56 3.12
CA GLN B 2 -7.37 15.34 3.60
C GLN B 2 -7.77 14.63 2.31
N ILE B 3 -7.44 13.34 2.21
CA ILE B 3 -7.77 12.61 1.03
C ILE B 3 -8.54 11.32 1.37
N THR B 4 -9.72 11.17 0.75
CA THR B 4 -10.54 9.97 1.02
C THR B 4 -10.02 8.88 0.12
N LEU B 5 -10.58 7.69 0.27
CA LEU B 5 -10.00 6.52 -0.33
C LEU B 5 -10.96 5.86 -1.28
N TRP B 6 -11.99 6.61 -1.65
CA TRP B 6 -12.87 6.25 -2.77
C TRP B 6 -12.23 6.15 -4.16
N LYS B 7 -11.13 6.84 -4.38
CA LYS B 7 -10.31 6.59 -5.58
C LYS B 7 -8.85 6.45 -5.10
N ARG B 8 -7.94 6.02 -5.96
CA ARG B 8 -6.53 5.92 -5.57
C ARG B 8 -6.00 7.25 -5.09
N PRO B 9 -5.23 7.26 -3.98
CA PRO B 9 -4.68 8.51 -3.55
C PRO B 9 -3.41 8.84 -4.32
N ILE B 10 -3.55 9.46 -5.46
CA ILE B 10 -2.43 9.77 -6.34
C ILE B 10 -2.04 11.23 -6.16
N VAL B 11 -0.75 11.52 -5.97
CA VAL B 11 -0.31 12.91 -5.89
C VAL B 11 0.78 13.20 -6.91
N THR B 12 1.07 14.48 -7.09
CA THR B 12 2.06 14.90 -8.05
C THR B 12 3.36 15.15 -7.28
N ILE B 13 4.44 14.55 -7.75
CA ILE B 13 5.78 14.84 -7.22
C ILE B 13 6.69 15.60 -8.21
N LYS B 14 7.65 16.34 -7.67
CA LYS B 14 8.75 16.78 -8.46
C LYS B 14 9.99 16.11 -7.91
N ILE B 15 10.75 15.45 -8.77
CA ILE B 15 12.02 14.79 -8.39
C ILE B 15 13.00 14.77 -9.57
N GLY B 16 14.22 15.23 -9.31
CA GLY B 16 15.30 15.26 -10.32
C GLY B 16 14.98 16.22 -11.46
N GLY B 17 14.26 17.31 -11.16
CA GLY B 17 13.73 18.17 -12.21
C GLY B 17 12.56 17.62 -13.01
N GLN B 18 12.12 16.39 -12.73
CA GLN B 18 10.98 15.80 -13.42
C GLN B 18 9.72 15.75 -12.59
N LEU B 19 8.58 15.88 -13.26
CA LEU B 19 7.28 15.75 -12.60
C LEU B 19 6.71 14.36 -12.81
N LYS B 20 6.25 13.74 -11.72
CA LYS B 20 5.63 12.45 -11.84
C LYS B 20 4.36 12.35 -11.01
N GLU B 21 3.52 11.36 -11.34
CA GLU B 21 2.42 11.01 -10.45
C GLU B 21 2.77 9.77 -9.62
N ALA B 22 2.27 9.72 -8.40
CA ALA B 22 2.64 8.66 -7.53
C ALA B 22 1.56 8.35 -6.52
N LEU B 23 1.54 7.09 -6.12
CA LEU B 23 0.50 6.59 -5.26
C LEU B 23 0.95 6.66 -3.78
N LEU B 24 0.16 7.35 -2.96
CA LEU B 24 0.38 7.33 -1.51
C LEU B 24 0.03 5.95 -1.00
N ASN B 25 1.04 5.24 -0.47
CA ASN B 25 0.92 3.83 -0.24
C ASN B 25 1.38 3.53 1.17
N THR B 26 0.43 3.53 2.12
CA THR B 26 0.71 3.15 3.52
C THR B 26 1.11 1.67 3.66
N GLY B 27 0.85 0.86 2.63
CA GLY B 27 1.28 -0.54 2.61
C GLY B 27 2.69 -0.70 2.06
N ALA B 28 3.44 0.40 1.88
CA ALA B 28 4.85 0.37 1.39
C ALA B 28 5.83 0.97 2.40
N ASP B 29 6.82 0.20 2.84
CA ASP B 29 7.86 0.79 3.72
C ASP B 29 8.71 1.85 3.00
N ASP B 30 8.86 1.68 1.67
CA ASP B 30 9.84 2.40 0.81
C ASP B 30 9.15 2.99 -0.44
N THR B 31 9.87 3.91 -1.09
CA THR B 31 9.32 4.73 -2.16
C THR B 31 9.95 4.12 -3.40
N VAL B 32 9.12 3.73 -4.37
CA VAL B 32 9.67 3.17 -5.62
C VAL B 32 9.17 3.90 -6.83
N LEU B 33 10.09 4.27 -7.69
CA LEU B 33 9.69 4.95 -8.91
C LEU B 33 10.28 4.28 -10.18
N GLU B 34 9.54 4.33 -11.27
CA GLU B 34 10.09 3.95 -12.56
C GLU B 34 10.43 5.22 -13.40
N GLU B 35 11.37 5.06 -14.33
CA GLU B 35 11.60 6.02 -15.41
C GLU B 35 11.79 7.45 -14.89
N VAL B 36 12.48 7.52 -13.76
CA VAL B 36 13.01 8.75 -13.24
C VAL B 36 14.52 8.64 -13.46
N ASN B 37 15.24 9.74 -13.63
CA ASN B 37 16.69 9.66 -13.94
C ASN B 37 17.39 10.43 -12.88
N LEU B 38 17.97 9.72 -11.94
CA LEU B 38 18.55 10.38 -10.78
C LEU B 38 20.06 10.37 -10.96
N PRO B 39 20.75 11.43 -10.47
CA PRO B 39 22.20 11.50 -10.56
C PRO B 39 22.97 10.73 -9.47
N GLY B 40 24.21 10.35 -9.77
CA GLY B 40 25.16 9.88 -8.74
C GLY B 40 25.23 8.37 -8.47
N ARG B 41 25.87 7.99 -7.36
CA ARG B 41 26.06 6.60 -7.02
C ARG B 41 24.79 6.05 -6.40
N TRP B 42 24.55 4.78 -6.63
CA TRP B 42 23.46 4.13 -6.01
C TRP B 42 23.92 2.78 -5.51
N LYS B 43 23.12 2.14 -4.67
CA LYS B 43 23.36 0.70 -4.40
C LYS B 43 22.23 -0.28 -4.89
N PRO B 44 22.61 -1.49 -5.37
CA PRO B 44 21.51 -2.39 -5.80
C PRO B 44 20.78 -3.01 -4.60
N LYS B 45 19.46 -3.15 -4.70
CA LYS B 45 18.63 -3.77 -3.67
C LYS B 45 17.52 -4.53 -4.35
N LEU B 46 16.90 -5.40 -3.58
CA LEU B 46 15.77 -6.14 -4.11
C LEU B 46 14.60 -5.87 -3.16
N ILE B 47 13.43 -5.68 -3.75
CA ILE B 47 12.22 -5.45 -2.92
C ILE B 47 11.16 -6.51 -3.23
N GLY B 48 10.42 -6.87 -2.19
CA GLY B 48 9.36 -7.83 -2.38
C GLY B 48 8.02 -7.15 -2.37
N GLY B 49 7.04 -7.77 -3.00
CA GLY B 49 5.72 -7.22 -3.05
C GLY B 49 4.84 -8.42 -3.12
N ILE B 50 3.58 -8.21 -3.42
CA ILE B 50 2.74 -9.33 -3.66
C ILE B 50 3.16 -9.98 -4.97
N GLY B 51 3.35 -11.27 -4.95
CA GLY B 51 3.60 -11.91 -6.22
C GLY B 51 5.04 -11.90 -6.68
N GLY B 52 5.97 -11.38 -5.86
CA GLY B 52 7.39 -11.44 -6.23
C GLY B 52 8.31 -10.34 -5.73
N PHE B 53 9.57 -10.43 -6.18
CA PHE B 53 10.68 -9.52 -5.82
C PHE B 53 11.23 -8.87 -7.11
N VAL B 54 11.73 -7.65 -7.01
CA VAL B 54 12.22 -6.90 -8.17
C VAL B 54 13.58 -6.29 -7.81
N LYS B 55 14.42 -6.12 -8.82
CA LYS B 55 15.79 -5.63 -8.57
C LYS B 55 15.71 -4.12 -8.76
N VAL B 56 16.24 -3.37 -7.80
CA VAL B 56 16.20 -1.90 -7.87
C VAL B 56 17.55 -1.23 -7.56
N ARG B 57 17.65 0.04 -7.92
CA ARG B 57 18.73 0.90 -7.45
C ARG B 57 18.27 1.77 -6.28
N GLN B 58 19.06 1.81 -5.23
CA GLN B 58 18.79 2.67 -4.14
C GLN B 58 19.63 3.95 -4.22
N TYR B 59 18.93 5.10 -4.23
CA TYR B 59 19.55 6.42 -4.07
C TYR B 59 19.22 7.04 -2.72
N ASP B 60 20.24 7.53 -2.02
CA ASP B 60 20.01 8.19 -0.73
C ASP B 60 19.97 9.71 -0.85
N GLN B 61 19.32 10.33 0.12
CA GLN B 61 19.28 11.77 0.23
C GLN B 61 18.79 12.48 -1.05
N VAL B 62 17.79 11.89 -1.68
CA VAL B 62 17.19 12.46 -2.89
C VAL B 62 16.14 13.48 -2.51
N PRO B 63 16.33 14.74 -2.94
CA PRO B 63 15.30 15.73 -2.63
C PRO B 63 14.05 15.50 -3.45
N ILE B 64 12.89 15.62 -2.85
CA ILE B 64 11.67 15.36 -3.56
C ILE B 64 10.54 16.30 -3.11
N GLU B 65 9.75 16.73 -4.07
CA GLU B 65 8.68 17.65 -3.73
C GLU B 65 7.37 16.91 -3.92
N ILE B 66 6.61 16.75 -2.85
CA ILE B 66 5.41 15.90 -2.86
C ILE B 66 4.20 16.72 -2.43
N CYS B 67 3.33 17.01 -3.42
CA CYS B 67 2.21 17.95 -3.21
C CYS B 67 2.70 19.32 -2.63
N GLY B 68 3.69 19.95 -3.27
CA GLY B 68 4.26 21.23 -2.77
C GLY B 68 4.87 21.25 -1.34
N HIS B 69 5.26 20.08 -0.81
CA HIS B 69 6.12 19.96 0.37
C HIS B 69 7.53 19.42 -0.03
N LYS B 70 8.59 20.05 0.44
CA LYS B 70 9.94 19.60 0.10
C LYS B 70 10.50 18.66 1.15
N VAL B 71 10.82 17.44 0.74
CA VAL B 71 11.42 16.45 1.63
C VAL B 71 12.63 15.83 0.94
N ILE B 72 13.32 14.99 1.71
CA ILE B 72 14.57 14.37 1.32
C ILE B 72 14.59 12.94 1.84
N GLY B 73 14.90 11.99 0.98
CA GLY B 73 14.89 10.63 1.42
C GLY B 73 15.43 9.71 0.35
N THR B 74 15.34 8.45 0.66
CA THR B 74 15.76 7.35 -0.15
C THR B 74 14.65 7.03 -1.15
N VAL B 75 15.08 6.89 -2.39
CA VAL B 75 14.20 6.62 -3.48
C VAL B 75 14.82 5.42 -4.17
N LEU B 76 14.00 4.38 -4.31
CA LEU B 76 14.25 3.17 -5.10
C LEU B 76 13.76 3.37 -6.52
N VAL B 77 14.60 3.03 -7.49
CA VAL B 77 14.22 3.18 -8.87
C VAL B 77 14.24 1.80 -9.52
N GLY B 78 13.09 1.35 -10.03
CA GLY B 78 13.04 0.03 -10.63
C GLY B 78 11.67 -0.26 -11.20
N PRO B 79 11.48 -1.49 -11.73
CA PRO B 79 10.22 -1.85 -12.41
C PRO B 79 9.01 -1.91 -11.45
N THR B 80 8.17 -0.88 -11.51
CA THR B 80 6.97 -0.89 -10.72
C THR B 80 5.85 -0.57 -11.69
N PRO B 81 4.67 -1.23 -11.53
CA PRO B 81 3.53 -0.92 -12.35
C PRO B 81 2.98 0.48 -12.06
N THR B 82 3.21 0.98 -10.83
CA THR B 82 2.82 2.34 -10.51
C THR B 82 3.84 2.96 -9.55
N ASN B 83 4.06 4.26 -9.67
CA ASN B 83 5.01 4.91 -8.81
C ASN B 83 4.43 4.87 -7.41
N VAL B 84 5.28 4.64 -6.44
CA VAL B 84 4.79 4.52 -5.09
C VAL B 84 5.59 5.36 -4.09
N ILE B 85 4.86 6.08 -3.25
CA ILE B 85 5.44 6.84 -2.13
C ILE B 85 5.13 6.06 -0.86
N GLY B 86 6.17 5.68 -0.14
CA GLY B 86 6.04 4.81 0.98
C GLY B 86 6.13 5.61 2.22
N ARG B 87 6.10 4.88 3.34
CA ARG B 87 6.16 5.50 4.68
C ARG B 87 7.41 6.30 4.94
N ASN B 88 8.56 5.93 4.37
CA ASN B 88 9.82 6.69 4.61
C ASN B 88 9.63 8.17 4.21
N LEU B 89 8.77 8.42 3.21
CA LEU B 89 8.51 9.83 2.88
C LEU B 89 7.24 10.39 3.50
N MET B 90 6.19 9.58 3.60
CA MET B 90 4.94 9.99 4.20
C MET B 90 5.07 10.52 5.63
N THR B 91 5.98 9.95 6.40
CA THR B 91 6.28 10.49 7.71
C THR B 91 6.86 11.91 7.59
N GLN B 92 7.64 12.18 6.54
CA GLN B 92 8.28 13.51 6.38
C GLN B 92 7.29 14.61 6.16
N ILE B 93 6.25 14.30 5.40
CA ILE B 93 5.29 15.31 5.13
C ILE B 93 4.21 15.34 6.24
N GLY B 94 4.38 14.52 7.28
CA GLY B 94 3.38 14.38 8.36
C GLY B 94 2.09 13.62 8.04
N CYS B 95 2.11 12.71 7.08
CA CYS B 95 0.89 12.05 6.71
C CYS B 95 0.40 11.00 7.73
N THR B 96 -0.90 11.05 8.10
CA THR B 96 -1.54 10.05 9.00
C THR B 96 -2.86 9.39 8.44
N LEU B 97 -3.18 8.19 8.95
CA LEU B 97 -4.48 7.56 8.75
C LEU B 97 -5.41 7.88 9.89
N ASN B 98 -6.65 8.25 9.53
CA ASN B 98 -7.66 8.76 10.44
C ASN B 98 -9.00 8.06 10.21
N PHE B 99 -9.55 7.46 11.26
CA PHE B 99 -10.92 6.91 11.23
C PHE B 99 -11.64 6.90 12.60
N ARG C 1 -3.28 -3.09 -8.80
CA ARG C 1 -3.93 -3.29 -7.51
C ARG C 1 -3.32 -4.50 -6.91
N VAL C 2 -2.64 -4.77 -5.78
CA VAL C 2 -2.13 -4.26 -4.54
C VAL C 2 -0.62 -4.07 -4.41
N PUK C 3 -0.25 -2.85 -4.15
CA PUK C 3 1.16 -2.45 -4.03
C2 PUK C 3 1.49 -2.14 -2.58
C3 PUK C 3 1.40 -1.25 -4.92
C4 PUK C 3 0.76 -1.43 -6.30
C5 PUK C 3 1.32 -2.28 -7.27
C6 PUK C 3 -0.42 -0.75 -6.66
C7 PUK C 3 0.72 -2.44 -8.53
C8 PUK C 3 -1.03 -0.93 -7.93
C9 PUK C 3 -0.45 -1.77 -8.88
N2 PUK C 3 1.39 -3.36 -1.78
C10 PUK C 3 2.38 -3.69 -0.76
C PUK C 3 3.80 -3.73 -1.27
O PUK C 3 4.15 -4.21 -2.35
C12 PUK C 3 1.89 -4.99 -0.11
C13 PUK C 3 2.91 -5.65 0.79
C14 PUK C 3 3.14 -5.18 2.09
C15 PUK C 3 3.62 -6.78 0.35
C16 PUK C 3 4.10 -5.82 2.88
C17 PUK C 3 4.57 -7.43 1.14
C18 PUK C 3 4.81 -6.95 2.42
N GLU C 4 4.74 -3.22 -0.50
CA GLU C 4 6.16 -3.22 -0.86
C GLU C 4 6.96 -3.17 0.42
N ALA C 5 7.93 -4.07 0.56
CA ALA C 5 8.85 -4.16 1.69
C ALA C 5 10.22 -4.60 1.17
N NLE C 6 11.33 -4.46 1.92
CA NLE C 6 12.60 -4.94 1.41
C NLE C 6 12.71 -6.35 1.86
O NLE C 6 13.46 -7.26 1.21
OXT NLE C 6 12.10 -6.68 2.86
CB NLE C 6 13.78 -4.18 1.98
CG NLE C 6 14.05 -2.91 1.17
CD NLE C 6 15.57 -2.72 0.98
CE NLE C 6 15.87 -1.48 0.18
#